data_1KP2
#
_entry.id   1KP2
#
_cell.length_a   78.059
_cell.length_b   104.050
_cell.length_c   128.573
_cell.angle_alpha   90.00
_cell.angle_beta   90.00
_cell.angle_gamma   90.00
#
_symmetry.space_group_name_H-M   'I 2 2 2'
#
loop_
_entity.id
_entity.type
_entity.pdbx_description
1 polymer 'argininosuccinate synthetase'
2 non-polymer 'PHOSPHATE ION'
3 non-polymer "ADENOSINE-5'-TRIPHOSPHATE"
4 non-polymer GUANIDINE
5 water water
#
_entity_poly.entity_id   1
_entity_poly.type   'polypeptide(L)'
_entity_poly.pdbx_seq_one_letter_code
;TTILKHLPVGQRIGIAFSGGLDTSAALLWMRQKGAVPYAYTANLGQPDEEDYDAIPRRAMEYGAENARLIDCRKQLVAEG
IAAIQCGAFHNTTGGLTYFNTTPLGRAVTGTMLVAAMKEDGVNIWGDGSTYKGNDIERFYRYGLLTNAELQIYKPWLDTD
FIDELGGRHEMSEFMIACGFDYKMSVEKAYSTDSNMLGATHEAKDLEYLNSSVKIVNPIMGVKFWDESVKIPAEEVTVRF
EQGHPVALNGKTFSDDVEMMLEANRIGGRHGLGMSDQIENRIIEAKSRGIYEAPGMALLHIAYERLLTGIHNEDTIEQYH
AHGRQLGRLLYQGRWFDSQALMLRDSLQRWVASQITGEVTLELRRGNDYSILNTVSENLTYKPERLTMEKGDSVFSPDDR
IGQLTMRNLDITDTREKLFGYAKTGLLSSSAASGVPQVENLENKGQSVEHHHHHH
;
_entity_poly.pdbx_strand_id   A
#
loop_
_chem_comp.id
_chem_comp.type
_chem_comp.name
_chem_comp.formula
ATP non-polymer ADENOSINE-5'-TRIPHOSPHATE 'C10 H16 N5 O13 P3'
GAI non-polymer GUANIDINE 'C H5 N3'
PO4 non-polymer 'PHOSPHATE ION' 'O4 P -3'
#
# COMPACT_ATOMS: atom_id res chain seq x y z
N THR A 1 -12.55 -29.52 6.19
CA THR A 1 -12.30 -28.47 5.16
C THR A 1 -11.85 -27.18 5.84
N THR A 2 -11.43 -26.20 5.05
CA THR A 2 -10.96 -24.93 5.58
C THR A 2 -12.09 -23.92 5.60
N ILE A 3 -12.78 -23.80 4.46
CA ILE A 3 -13.88 -22.86 4.33
C ILE A 3 -15.21 -23.53 4.60
N LEU A 4 -15.85 -23.14 5.70
CA LEU A 4 -17.14 -23.68 6.08
C LEU A 4 -18.21 -22.95 5.30
N LYS A 5 -18.97 -23.70 4.50
CA LYS A 5 -20.02 -23.12 3.69
C LYS A 5 -21.26 -22.74 4.52
N HIS A 6 -21.47 -23.41 5.64
CA HIS A 6 -22.62 -23.13 6.50
C HIS A 6 -22.23 -22.80 7.92
N LEU A 7 -23.05 -21.98 8.57
CA LEU A 7 -22.81 -21.54 9.95
C LEU A 7 -22.55 -22.68 10.93
N PRO A 8 -21.42 -22.62 11.64
CA PRO A 8 -21.08 -23.67 12.61
C PRO A 8 -21.79 -23.40 13.93
N VAL A 9 -23.03 -23.87 14.01
CA VAL A 9 -23.86 -23.69 15.20
C VAL A 9 -23.15 -24.10 16.48
N GLY A 10 -23.27 -23.28 17.51
CA GLY A 10 -22.66 -23.58 18.80
C GLY A 10 -21.17 -23.35 18.86
N GLN A 11 -20.55 -23.08 17.71
CA GLN A 11 -19.11 -22.86 17.67
C GLN A 11 -18.72 -21.41 17.85
N ARG A 12 -17.57 -21.20 18.47
CA ARG A 12 -17.05 -19.86 18.71
C ARG A 12 -16.47 -19.36 17.39
N ILE A 13 -16.98 -18.23 16.92
CA ILE A 13 -16.52 -17.66 15.66
C ILE A 13 -15.96 -16.25 15.83
N GLY A 14 -14.76 -16.04 15.32
CA GLY A 14 -14.16 -14.72 15.43
C GLY A 14 -14.54 -13.86 14.23
N ILE A 15 -14.96 -12.64 14.50
CA ILE A 15 -15.34 -11.73 13.42
C ILE A 15 -14.51 -10.47 13.44
N ALA A 16 -13.88 -10.15 12.31
CA ALA A 16 -13.09 -8.92 12.19
C ALA A 16 -14.21 -7.89 12.09
N PHE A 17 -14.48 -7.23 13.20
CA PHE A 17 -15.59 -6.28 13.31
C PHE A 17 -15.21 -4.82 13.11
N SER A 18 -15.64 -4.27 11.97
CA SER A 18 -15.34 -2.88 11.66
C SER A 18 -16.37 -1.93 12.24
N GLY A 19 -17.58 -2.44 12.47
CA GLY A 19 -18.63 -1.61 13.03
C GLY A 19 -19.64 -1.17 11.98
N GLY A 20 -19.34 -1.43 10.72
CA GLY A 20 -20.27 -1.04 9.67
C GLY A 20 -21.52 -1.89 9.71
N LEU A 21 -22.45 -1.62 8.79
CA LEU A 21 -23.70 -2.37 8.72
C LEU A 21 -23.48 -3.84 8.46
N ASP A 22 -22.64 -4.14 7.47
CA ASP A 22 -22.37 -5.51 7.08
C ASP A 22 -21.94 -6.42 8.23
N THR A 23 -20.94 -6.03 9.01
CA THR A 23 -20.52 -6.88 10.09
C THR A 23 -21.46 -6.82 11.29
N SER A 24 -22.18 -5.71 11.45
CA SER A 24 -23.12 -5.60 12.56
C SER A 24 -24.27 -6.57 12.35
N ALA A 25 -24.82 -6.57 11.14
CA ALA A 25 -25.93 -7.44 10.81
C ALA A 25 -25.50 -8.92 10.83
N ALA A 26 -24.29 -9.18 10.35
CA ALA A 26 -23.81 -10.56 10.33
C ALA A 26 -23.61 -11.10 11.74
N LEU A 27 -23.12 -10.25 12.63
CA LEU A 27 -22.86 -10.64 14.01
C LEU A 27 -24.20 -10.99 14.66
N LEU A 28 -25.17 -10.09 14.53
CA LEU A 28 -26.48 -10.30 15.11
C LEU A 28 -27.10 -11.59 14.55
N TRP A 29 -26.98 -11.77 13.25
CA TRP A 29 -27.51 -12.96 12.58
C TRP A 29 -26.85 -14.26 13.08
N MET A 30 -25.52 -14.26 13.14
CA MET A 30 -24.80 -15.45 13.61
C MET A 30 -25.18 -15.84 15.03
N ARG A 31 -25.44 -14.84 15.87
CA ARG A 31 -25.84 -15.12 17.24
C ARG A 31 -27.26 -15.67 17.21
N GLN A 32 -28.13 -14.99 16.48
CA GLN A 32 -29.51 -15.40 16.36
C GLN A 32 -29.64 -16.83 15.85
N LYS A 33 -28.78 -17.22 14.91
CA LYS A 33 -28.83 -18.55 14.35
C LYS A 33 -28.10 -19.65 15.14
N GLY A 34 -27.57 -19.31 16.32
CA GLY A 34 -26.93 -20.33 17.11
C GLY A 34 -25.41 -20.38 17.29
N ALA A 35 -24.68 -19.50 16.62
CA ALA A 35 -23.23 -19.49 16.76
C ALA A 35 -22.86 -18.59 17.92
N VAL A 36 -21.61 -18.66 18.36
CA VAL A 36 -21.12 -17.84 19.46
C VAL A 36 -20.02 -16.90 18.94
N PRO A 37 -20.41 -15.76 18.36
CA PRO A 37 -19.44 -14.81 17.82
C PRO A 37 -18.65 -13.94 18.81
N TYR A 38 -17.37 -13.76 18.49
CA TYR A 38 -16.48 -12.91 19.28
C TYR A 38 -16.02 -11.80 18.31
N ALA A 39 -16.04 -10.56 18.77
CA ALA A 39 -15.67 -9.45 17.92
C ALA A 39 -14.27 -8.91 18.17
N TYR A 40 -13.56 -8.59 17.09
CA TYR A 40 -12.21 -8.04 17.19
C TYR A 40 -12.13 -6.87 16.24
N THR A 41 -11.82 -5.71 16.80
CA THR A 41 -11.72 -4.49 16.04
C THR A 41 -10.28 -4.02 16.06
N ALA A 42 -9.76 -3.71 14.88
CA ALA A 42 -8.40 -3.25 14.77
C ALA A 42 -8.34 -1.73 14.77
N ASN A 43 -7.51 -1.17 15.64
CA ASN A 43 -7.32 0.27 15.63
C ASN A 43 -6.18 0.45 14.61
N LEU A 44 -6.51 1.00 13.45
CA LEU A 44 -5.53 1.21 12.37
C LEU A 44 -5.26 2.69 12.14
N GLY A 45 -5.77 3.53 13.05
CA GLY A 45 -5.58 4.97 12.90
C GLY A 45 -6.34 5.49 11.70
N GLN A 46 -7.51 4.91 11.45
CA GLN A 46 -8.33 5.33 10.33
C GLN A 46 -8.50 6.84 10.49
N PRO A 47 -8.17 7.62 9.44
CA PRO A 47 -8.31 9.07 9.56
C PRO A 47 -9.72 9.59 9.88
N ASP A 48 -10.76 8.94 9.36
CA ASP A 48 -12.12 9.40 9.62
C ASP A 48 -12.79 8.66 10.77
N GLU A 49 -11.99 8.14 11.71
CA GLU A 49 -12.52 7.43 12.87
C GLU A 49 -12.12 8.18 14.13
N GLU A 50 -13.10 8.70 14.87
CA GLU A 50 -12.82 9.44 16.09
C GLU A 50 -13.17 8.70 17.37
N ASP A 51 -13.88 7.57 17.26
CA ASP A 51 -14.24 6.82 18.46
C ASP A 51 -14.18 5.29 18.30
N TYR A 52 -12.97 4.76 18.26
CA TYR A 52 -12.76 3.32 18.13
C TYR A 52 -13.33 2.56 19.33
N ASP A 53 -13.36 3.21 20.50
CA ASP A 53 -13.87 2.57 21.71
C ASP A 53 -15.33 2.17 21.67
N ALA A 54 -16.12 2.89 20.90
CA ALA A 54 -17.54 2.60 20.80
C ALA A 54 -17.82 1.39 19.94
N ILE A 55 -16.88 1.03 19.08
CA ILE A 55 -17.11 -0.11 18.20
C ILE A 55 -17.30 -1.44 18.94
N PRO A 56 -16.39 -1.80 19.86
CA PRO A 56 -16.59 -3.08 20.54
C PRO A 56 -17.91 -3.07 21.35
N ARG A 57 -18.32 -1.89 21.82
CA ARG A 57 -19.56 -1.78 22.58
C ARG A 57 -20.76 -2.14 21.69
N ARG A 58 -20.77 -1.64 20.46
CA ARG A 58 -21.85 -1.97 19.53
C ARG A 58 -21.84 -3.45 19.24
N ALA A 59 -20.66 -4.05 19.18
CA ALA A 59 -20.55 -5.49 18.93
C ALA A 59 -21.23 -6.23 20.11
N MET A 60 -20.96 -5.79 21.32
CA MET A 60 -21.57 -6.42 22.51
C MET A 60 -23.08 -6.25 22.44
N GLU A 61 -23.52 -5.05 22.07
CA GLU A 61 -24.95 -4.78 21.97
C GLU A 61 -25.64 -5.66 20.94
N TYR A 62 -24.92 -6.01 19.86
CA TYR A 62 -25.49 -6.85 18.82
C TYR A 62 -25.33 -8.36 19.03
N GLY A 63 -24.77 -8.77 20.15
CA GLY A 63 -24.66 -10.19 20.39
C GLY A 63 -23.29 -10.82 20.56
N ALA A 64 -22.24 -10.01 20.48
CA ALA A 64 -20.88 -10.55 20.65
C ALA A 64 -20.70 -11.13 22.05
N GLU A 65 -20.07 -12.29 22.13
CA GLU A 65 -19.81 -12.95 23.41
C GLU A 65 -18.87 -12.06 24.19
N ASN A 66 -17.89 -11.53 23.46
CA ASN A 66 -16.90 -10.62 24.01
C ASN A 66 -16.43 -9.84 22.80
N ALA A 67 -15.93 -8.63 23.03
CA ALA A 67 -15.47 -7.79 21.93
C ALA A 67 -14.20 -7.11 22.37
N ARG A 68 -13.19 -7.12 21.52
CA ARG A 68 -11.93 -6.50 21.88
C ARG A 68 -11.47 -5.50 20.84
N LEU A 69 -10.70 -4.52 21.29
CA LEU A 69 -10.12 -3.51 20.41
C LEU A 69 -8.63 -3.82 20.40
N ILE A 70 -8.11 -4.20 19.25
CA ILE A 70 -6.70 -4.51 19.14
C ILE A 70 -5.99 -3.34 18.48
N ASP A 71 -5.04 -2.72 19.18
CA ASP A 71 -4.30 -1.60 18.61
C ASP A 71 -3.25 -2.16 17.66
N CYS A 72 -3.33 -1.75 16.39
CA CYS A 72 -2.41 -2.23 15.36
C CYS A 72 -1.59 -1.09 14.74
N ARG A 73 -1.73 0.12 15.26
CA ARG A 73 -1.02 1.26 14.68
C ARG A 73 0.50 1.15 14.65
N LYS A 74 1.10 0.70 15.74
CA LYS A 74 2.53 0.56 15.83
C LYS A 74 3.07 -0.41 14.77
N GLN A 75 2.43 -1.57 14.66
CA GLN A 75 2.85 -2.58 13.69
C GLN A 75 2.60 -2.07 12.28
N LEU A 76 1.47 -1.40 12.08
CA LEU A 76 1.13 -0.85 10.77
C LEU A 76 2.21 0.14 10.32
N VAL A 77 2.57 1.08 11.19
CA VAL A 77 3.56 2.05 10.83
C VAL A 77 4.94 1.43 10.63
N ALA A 78 5.24 0.40 11.41
CA ALA A 78 6.53 -0.27 11.28
C ALA A 78 6.61 -0.90 9.88
N GLU A 79 5.53 -1.55 9.44
CA GLU A 79 5.53 -2.20 8.13
C GLU A 79 5.51 -1.16 7.01
N GLY A 80 4.80 -0.06 7.22
CA GLY A 80 4.76 1.01 6.23
C GLY A 80 6.15 1.58 6.06
N ILE A 81 6.89 1.77 7.17
CA ILE A 81 8.23 2.30 7.08
C ILE A 81 9.13 1.29 6.36
N ALA A 82 8.94 0.01 6.63
CA ALA A 82 9.73 -1.00 5.94
C ALA A 82 9.46 -0.90 4.44
N ALA A 83 8.20 -0.70 4.06
CA ALA A 83 7.84 -0.60 2.64
C ALA A 83 8.55 0.59 2.00
N ILE A 84 8.60 1.71 2.73
CA ILE A 84 9.29 2.90 2.24
C ILE A 84 10.77 2.55 2.02
N GLN A 85 11.39 1.93 3.03
CA GLN A 85 12.80 1.56 2.93
C GLN A 85 13.07 0.63 1.75
N CYS A 86 12.08 -0.18 1.40
CA CYS A 86 12.25 -1.13 0.31
C CYS A 86 11.66 -0.68 -1.04
N GLY A 87 11.03 0.49 -1.08
CA GLY A 87 10.39 0.93 -2.30
C GLY A 87 9.43 -0.17 -2.76
N ALA A 88 8.74 -0.79 -1.80
CA ALA A 88 7.80 -1.91 -2.07
C ALA A 88 6.46 -1.46 -2.67
N PHE A 89 6.53 -0.76 -3.79
CA PHE A 89 5.34 -0.24 -4.44
C PHE A 89 5.45 -0.60 -5.93
N HIS A 90 4.37 -1.12 -6.52
CA HIS A 90 4.43 -1.55 -7.92
C HIS A 90 3.40 -0.96 -8.88
N ASN A 91 2.26 -0.47 -8.37
CA ASN A 91 1.25 0.13 -9.26
C ASN A 91 1.56 1.62 -9.49
N THR A 92 2.25 1.90 -10.58
CA THR A 92 2.65 3.27 -10.91
C THR A 92 2.19 3.69 -12.31
N THR A 93 1.93 4.98 -12.46
CA THR A 93 1.46 5.53 -13.72
C THR A 93 2.13 6.89 -13.84
N GLY A 94 2.97 7.06 -14.86
CA GLY A 94 3.65 8.35 -15.01
C GLY A 94 4.36 8.79 -13.74
N GLY A 95 4.96 7.87 -13.01
CA GLY A 95 5.67 8.26 -11.81
C GLY A 95 4.80 8.48 -10.58
N LEU A 96 3.49 8.31 -10.70
CA LEU A 96 2.62 8.44 -9.53
C LEU A 96 2.39 7.01 -9.04
N THR A 97 2.53 6.83 -7.74
CA THR A 97 2.46 5.52 -7.11
C THR A 97 1.38 5.23 -6.10
N TYR A 98 0.88 4.01 -6.11
CA TYR A 98 -0.08 3.57 -5.10
C TYR A 98 0.87 3.00 -4.04
N PHE A 99 0.75 3.45 -2.80
CA PHE A 99 1.66 2.98 -1.76
C PHE A 99 1.29 1.69 -1.02
N ASN A 100 0.48 0.85 -1.67
CA ASN A 100 0.09 -0.44 -1.08
C ASN A 100 -0.40 -0.33 0.35
N THR A 101 -1.17 0.71 0.65
CA THR A 101 -1.65 0.93 2.01
C THR A 101 -2.68 -0.10 2.50
N THR A 102 -3.58 -0.54 1.64
CA THR A 102 -4.53 -1.57 2.08
C THR A 102 -3.76 -2.89 2.28
N PRO A 103 -2.89 -3.25 1.33
CA PRO A 103 -2.13 -4.49 1.50
C PRO A 103 -1.39 -4.50 2.86
N LEU A 104 -0.80 -3.36 3.24
CA LEU A 104 -0.10 -3.28 4.52
C LEU A 104 -1.07 -3.44 5.70
N GLY A 105 -2.22 -2.79 5.60
CA GLY A 105 -3.22 -2.91 6.64
C GLY A 105 -3.68 -4.35 6.82
N ARG A 106 -3.92 -5.08 5.72
CA ARG A 106 -4.37 -6.47 5.83
C ARG A 106 -3.33 -7.40 6.44
N ALA A 107 -2.06 -7.16 6.12
CA ALA A 107 -0.98 -8.01 6.63
C ALA A 107 -0.89 -7.90 8.16
N VAL A 108 -1.10 -6.70 8.69
CA VAL A 108 -1.05 -6.49 10.12
C VAL A 108 -2.37 -6.92 10.78
N THR A 109 -3.49 -6.58 10.15
CA THR A 109 -4.82 -6.94 10.65
C THR A 109 -5.03 -8.45 10.66
N GLY A 110 -4.72 -9.07 9.53
CA GLY A 110 -4.89 -10.51 9.37
C GLY A 110 -4.08 -11.34 10.33
N THR A 111 -2.84 -10.92 10.61
CA THR A 111 -2.02 -11.65 11.54
C THR A 111 -2.39 -11.31 12.99
N MET A 112 -2.47 -10.03 13.33
CA MET A 112 -2.79 -9.64 14.71
C MET A 112 -4.16 -10.05 15.23
N LEU A 113 -5.20 -9.95 14.41
CA LEU A 113 -6.51 -10.34 14.90
C LEU A 113 -6.64 -11.86 15.01
N VAL A 114 -5.96 -12.59 14.13
CA VAL A 114 -6.04 -14.03 14.20
C VAL A 114 -5.28 -14.50 15.43
N ALA A 115 -4.18 -13.83 15.73
CA ALA A 115 -3.38 -14.21 16.89
C ALA A 115 -4.22 -13.95 18.14
N ALA A 116 -4.94 -12.82 18.13
CA ALA A 116 -5.79 -12.46 19.27
C ALA A 116 -6.90 -13.50 19.43
N MET A 117 -7.49 -13.93 18.32
CA MET A 117 -8.55 -14.94 18.38
C MET A 117 -8.03 -16.28 18.90
N LYS A 118 -6.89 -16.73 18.38
CA LYS A 118 -6.33 -18.01 18.80
C LYS A 118 -6.00 -17.95 20.27
N GLU A 119 -5.67 -16.74 20.73
CA GLU A 119 -5.33 -16.49 22.11
C GLU A 119 -6.58 -16.71 22.97
N ASP A 120 -7.76 -16.34 22.45
CA ASP A 120 -9.02 -16.51 23.17
C ASP A 120 -9.67 -17.87 22.91
N GLY A 121 -8.92 -18.81 22.34
CA GLY A 121 -9.49 -20.11 22.05
C GLY A 121 -10.46 -20.12 20.88
N VAL A 122 -10.39 -19.11 20.03
CA VAL A 122 -11.27 -19.02 18.86
C VAL A 122 -10.49 -19.46 17.62
N ASN A 123 -11.02 -20.46 16.90
CA ASN A 123 -10.34 -20.99 15.72
C ASN A 123 -11.12 -20.93 14.40
N ILE A 124 -12.12 -20.06 14.34
CA ILE A 124 -12.90 -19.88 13.12
C ILE A 124 -12.91 -18.38 12.88
N TRP A 125 -12.66 -17.99 11.64
CA TRP A 125 -12.62 -16.58 11.28
C TRP A 125 -13.64 -16.21 10.24
N GLY A 126 -14.20 -15.01 10.41
CA GLY A 126 -15.15 -14.49 9.47
C GLY A 126 -14.82 -13.03 9.23
N ASP A 127 -14.88 -12.58 7.97
CA ASP A 127 -14.63 -11.19 7.66
C ASP A 127 -15.54 -10.88 6.48
N GLY A 128 -16.03 -9.65 6.42
CA GLY A 128 -16.95 -9.26 5.36
C GLY A 128 -16.41 -8.94 3.97
N SER A 129 -15.15 -9.23 3.68
CA SER A 129 -14.62 -8.94 2.35
C SER A 129 -15.39 -9.81 1.36
N THR A 130 -15.76 -9.24 0.21
CA THR A 130 -16.51 -9.99 -0.79
C THR A 130 -15.66 -11.03 -1.55
N TYR A 131 -16.32 -12.00 -2.17
CA TYR A 131 -15.65 -13.06 -2.91
C TYR A 131 -15.11 -12.60 -4.27
N LYS A 132 -15.33 -11.33 -4.61
CA LYS A 132 -14.86 -10.79 -5.88
C LYS A 132 -13.55 -10.01 -5.79
N GLY A 133 -13.10 -9.69 -4.58
CA GLY A 133 -11.91 -8.89 -4.43
C GLY A 133 -10.59 -9.52 -4.03
N ASN A 134 -9.64 -8.64 -3.70
CA ASN A 134 -8.30 -9.03 -3.27
C ASN A 134 -8.25 -9.38 -1.79
N ASP A 135 -8.93 -8.57 -0.99
CA ASP A 135 -8.98 -8.73 0.45
C ASP A 135 -9.34 -10.12 0.94
N ILE A 136 -10.36 -10.73 0.36
CA ILE A 136 -10.76 -12.05 0.78
C ILE A 136 -9.58 -12.99 0.75
N GLU A 137 -8.74 -12.86 -0.27
CA GLU A 137 -7.57 -13.71 -0.39
C GLU A 137 -6.45 -13.30 0.56
N ARG A 138 -6.28 -12.00 0.78
CA ARG A 138 -5.23 -11.53 1.68
C ARG A 138 -5.52 -12.03 3.09
N PHE A 139 -6.74 -11.80 3.58
CA PHE A 139 -7.12 -12.26 4.92
C PHE A 139 -6.98 -13.78 5.02
N TYR A 140 -7.31 -14.48 3.93
CA TYR A 140 -7.20 -15.93 3.93
C TYR A 140 -5.76 -16.38 4.19
N ARG A 141 -4.80 -15.85 3.41
CA ARG A 141 -3.40 -16.27 3.60
C ARG A 141 -2.81 -15.86 4.95
N TYR A 142 -2.99 -14.61 5.35
CA TYR A 142 -2.42 -14.18 6.63
C TYR A 142 -3.02 -14.95 7.82
N GLY A 143 -4.29 -15.32 7.72
CA GLY A 143 -4.92 -16.05 8.81
C GLY A 143 -4.41 -17.48 8.96
N LEU A 144 -4.45 -18.24 7.86
CA LEU A 144 -3.97 -19.63 7.90
C LEU A 144 -2.49 -19.67 8.24
N LEU A 145 -1.77 -18.61 7.88
CA LEU A 145 -0.34 -18.53 8.15
C LEU A 145 -0.12 -18.38 9.65
N THR A 146 -1.00 -17.63 10.30
CA THR A 146 -0.89 -17.39 11.73
C THR A 146 -1.47 -18.53 12.57
N ASN A 147 -2.53 -19.16 12.07
CA ASN A 147 -3.18 -20.26 12.79
C ASN A 147 -3.44 -21.41 11.85
N ALA A 148 -2.62 -22.47 11.97
CA ALA A 148 -2.74 -23.64 11.11
C ALA A 148 -4.11 -24.30 11.21
N GLU A 149 -4.72 -24.26 12.39
CA GLU A 149 -6.03 -24.89 12.57
C GLU A 149 -7.19 -23.94 12.29
N LEU A 150 -6.89 -22.76 11.76
CA LEU A 150 -7.92 -21.78 11.46
C LEU A 150 -8.88 -22.25 10.38
N GLN A 151 -10.18 -22.05 10.61
CA GLN A 151 -11.19 -22.40 9.64
C GLN A 151 -11.89 -21.11 9.30
N ILE A 152 -12.34 -21.00 8.06
CA ILE A 152 -12.99 -19.79 7.62
C ILE A 152 -14.48 -19.92 7.42
N TYR A 153 -15.22 -18.97 7.98
CA TYR A 153 -16.66 -18.92 7.79
C TYR A 153 -17.03 -17.49 7.42
N LYS A 154 -17.54 -17.33 6.22
CA LYS A 154 -17.96 -16.01 5.75
C LYS A 154 -19.43 -16.14 5.42
N PRO A 155 -20.31 -15.72 6.34
CA PRO A 155 -21.76 -15.78 6.15
C PRO A 155 -22.23 -15.18 4.84
N TRP A 156 -21.49 -14.19 4.36
CA TRP A 156 -21.82 -13.50 3.11
C TRP A 156 -21.75 -14.40 1.89
N LEU A 157 -21.18 -15.59 2.08
CA LEU A 157 -21.07 -16.56 1.00
C LEU A 157 -21.75 -17.85 1.47
N ASP A 158 -22.73 -17.68 2.34
CA ASP A 158 -23.51 -18.78 2.90
C ASP A 158 -24.92 -18.61 2.34
N THR A 159 -25.45 -19.67 1.73
CA THR A 159 -26.78 -19.61 1.13
C THR A 159 -27.85 -19.19 2.14
N ASP A 160 -27.86 -19.82 3.30
CA ASP A 160 -28.83 -19.51 4.35
C ASP A 160 -28.86 -18.01 4.63
N PHE A 161 -27.67 -17.42 4.68
CA PHE A 161 -27.52 -15.99 4.94
C PHE A 161 -27.96 -15.14 3.76
N ILE A 162 -27.25 -15.29 2.64
CA ILE A 162 -27.55 -14.53 1.44
C ILE A 162 -29.02 -14.68 1.03
N ASP A 163 -29.61 -15.82 1.40
CA ASP A 163 -31.01 -16.10 1.09
C ASP A 163 -31.91 -14.99 1.62
N GLU A 164 -32.22 -15.03 2.91
CA GLU A 164 -33.07 -14.02 3.52
C GLU A 164 -32.54 -12.60 3.33
N LEU A 165 -31.49 -12.23 4.05
CA LEU A 165 -30.93 -10.90 3.88
C LEU A 165 -29.75 -10.96 2.92
N GLY A 166 -29.82 -10.21 1.83
CA GLY A 166 -28.75 -10.23 0.84
C GLY A 166 -28.29 -8.87 0.36
N GLY A 167 -29.09 -7.83 0.59
CA GLY A 167 -28.71 -6.50 0.16
C GLY A 167 -28.55 -5.57 1.34
N ARG A 168 -28.13 -4.33 1.08
CA ARG A 168 -27.94 -3.36 2.14
C ARG A 168 -29.30 -3.12 2.82
N HIS A 169 -30.33 -2.90 2.01
CA HIS A 169 -31.66 -2.65 2.54
C HIS A 169 -32.14 -3.88 3.31
N GLU A 170 -31.78 -5.06 2.82
CA GLU A 170 -32.15 -6.32 3.46
C GLU A 170 -31.57 -6.37 4.87
N MET A 171 -30.32 -5.96 5.00
CA MET A 171 -29.64 -5.97 6.30
C MET A 171 -30.22 -4.92 7.25
N SER A 172 -30.56 -3.76 6.69
CA SER A 172 -31.13 -2.68 7.49
C SER A 172 -32.51 -3.08 8.02
N GLU A 173 -33.31 -3.71 7.16
CA GLU A 173 -34.63 -4.16 7.57
C GLU A 173 -34.45 -5.26 8.62
N PHE A 174 -33.32 -5.96 8.55
CA PHE A 174 -33.03 -7.04 9.49
C PHE A 174 -32.74 -6.46 10.87
N MET A 175 -31.93 -5.42 10.93
CA MET A 175 -31.59 -4.80 12.21
C MET A 175 -32.88 -4.32 12.89
N ILE A 176 -33.70 -3.59 12.13
CA ILE A 176 -34.97 -3.07 12.63
C ILE A 176 -35.81 -4.21 13.20
N ALA A 177 -35.93 -5.29 12.42
CA ALA A 177 -36.70 -6.46 12.80
C ALA A 177 -36.14 -7.14 14.04
N CYS A 178 -34.84 -6.97 14.29
CA CYS A 178 -34.20 -7.55 15.46
C CYS A 178 -34.25 -6.65 16.68
N GLY A 179 -34.95 -5.53 16.55
CA GLY A 179 -35.09 -4.61 17.67
C GLY A 179 -34.08 -3.48 17.78
N PHE A 180 -33.32 -3.23 16.72
CA PHE A 180 -32.34 -2.15 16.75
C PHE A 180 -32.59 -1.13 15.65
N ASP A 181 -32.45 0.14 15.99
CA ASP A 181 -32.66 1.21 15.03
C ASP A 181 -31.59 1.21 13.94
N TYR A 182 -30.47 1.89 14.18
CA TYR A 182 -29.39 1.93 13.19
C TYR A 182 -28.24 2.78 13.68
N GLU A 187 -24.53 6.80 1.76
CA GLU A 187 -24.20 6.21 0.46
C GLU A 187 -23.47 7.24 -0.42
N LYS A 188 -22.20 6.96 -0.70
CA LYS A 188 -21.37 7.83 -1.51
C LYS A 188 -21.31 7.37 -2.97
N ALA A 189 -20.49 8.08 -3.76
CA ALA A 189 -20.33 7.74 -5.16
C ALA A 189 -19.16 6.76 -5.33
N TYR A 190 -18.67 6.23 -4.22
CA TYR A 190 -17.57 5.26 -4.23
C TYR A 190 -17.40 4.71 -2.83
N SER A 191 -16.58 3.65 -2.71
CA SER A 191 -16.30 3.05 -1.41
C SER A 191 -14.89 3.44 -0.99
N THR A 192 -14.70 3.57 0.32
CA THR A 192 -13.42 3.98 0.87
C THR A 192 -12.92 3.04 1.94
N ASP A 193 -11.62 2.73 1.86
CA ASP A 193 -10.97 1.92 2.89
C ASP A 193 -9.85 2.83 3.34
N SER A 194 -9.47 2.79 4.61
CA SER A 194 -8.38 3.66 5.02
C SER A 194 -7.76 3.24 6.34
N ASN A 195 -6.52 3.68 6.54
CA ASN A 195 -5.80 3.44 7.77
C ASN A 195 -4.83 4.60 7.88
N MET A 196 -4.00 4.66 8.92
CA MET A 196 -3.14 5.84 8.97
C MET A 196 -2.08 5.96 7.88
N LEU A 197 -1.92 4.92 7.03
CA LEU A 197 -0.93 5.04 5.96
C LEU A 197 -1.55 5.61 4.69
N GLY A 198 -2.86 5.43 4.52
CA GLY A 198 -3.50 5.93 3.33
C GLY A 198 -4.97 5.59 3.21
N ALA A 199 -5.60 6.14 2.18
CA ALA A 199 -7.02 5.90 1.93
C ALA A 199 -7.20 5.49 0.46
N THR A 200 -8.06 4.50 0.22
CA THR A 200 -8.33 4.07 -1.14
C THR A 200 -9.79 4.39 -1.43
N HIS A 201 -10.06 4.72 -2.69
CA HIS A 201 -11.41 5.05 -3.14
C HIS A 201 -11.63 4.27 -4.43
N GLU A 202 -12.64 3.41 -4.43
CA GLU A 202 -12.94 2.61 -5.61
C GLU A 202 -14.40 2.18 -5.68
N ALA A 203 -14.75 1.52 -6.78
CA ALA A 203 -16.09 1.01 -7.05
C ALA A 203 -17.11 2.11 -7.34
N LYS A 204 -18.34 1.67 -7.61
CA LYS A 204 -19.43 2.57 -7.92
C LYS A 204 -19.06 3.49 -9.07
N ASP A 205 -19.19 4.80 -8.89
CA ASP A 205 -18.87 5.71 -9.99
C ASP A 205 -17.41 5.70 -10.42
N LEU A 206 -16.53 5.23 -9.55
CA LEU A 206 -15.11 5.19 -9.89
C LEU A 206 -14.80 4.02 -10.81
N GLU A 207 -15.81 3.19 -11.07
CA GLU A 207 -15.63 2.06 -11.98
C GLU A 207 -15.52 2.59 -13.39
N TYR A 208 -16.03 3.81 -13.62
CA TYR A 208 -16.01 4.40 -14.95
C TYR A 208 -14.77 5.26 -15.15
N LEU A 209 -14.03 4.98 -16.22
CA LEU A 209 -12.80 5.70 -16.53
C LEU A 209 -13.00 7.18 -16.88
N ASN A 210 -14.25 7.62 -17.03
CA ASN A 210 -14.49 9.04 -17.30
C ASN A 210 -14.77 9.76 -15.97
N SER A 211 -14.78 9.02 -14.86
CA SER A 211 -14.94 9.70 -13.57
C SER A 211 -13.49 10.09 -13.28
N SER A 212 -13.27 10.96 -12.31
CA SER A 212 -11.92 11.36 -11.97
C SER A 212 -11.83 11.72 -10.50
N VAL A 213 -10.69 12.24 -10.11
CA VAL A 213 -10.46 12.65 -8.73
C VAL A 213 -11.48 13.74 -8.33
N LYS A 214 -12.04 14.44 -9.33
CA LYS A 214 -13.01 15.49 -9.03
C LYS A 214 -14.26 15.05 -8.26
N ILE A 215 -14.61 13.77 -8.28
CA ILE A 215 -15.80 13.36 -7.52
C ILE A 215 -15.41 12.86 -6.15
N VAL A 216 -14.13 12.93 -5.84
CA VAL A 216 -13.66 12.46 -4.56
C VAL A 216 -13.51 13.57 -3.53
N ASN A 217 -13.97 13.29 -2.31
CA ASN A 217 -13.84 14.22 -1.20
C ASN A 217 -12.73 13.57 -0.38
N PRO A 218 -11.47 13.99 -0.61
CA PRO A 218 -10.31 13.44 0.09
C PRO A 218 -10.43 13.49 1.59
N ILE A 219 -9.97 12.43 2.26
CA ILE A 219 -10.04 12.39 3.71
C ILE A 219 -8.70 12.56 4.40
N MET A 220 -7.61 12.68 3.64
CA MET A 220 -6.29 12.83 4.24
C MET A 220 -5.59 14.08 3.72
N GLY A 221 -6.28 14.78 2.83
CA GLY A 221 -5.72 15.98 2.24
C GLY A 221 -6.81 16.88 1.66
N VAL A 222 -6.38 17.96 1.04
CA VAL A 222 -7.30 18.93 0.47
C VAL A 222 -7.56 18.68 -1.00
N LYS A 223 -8.55 19.38 -1.54
CA LYS A 223 -8.88 19.27 -2.96
C LYS A 223 -7.99 20.23 -3.74
N PHE A 224 -6.73 19.82 -3.91
CA PHE A 224 -5.75 20.62 -4.62
C PHE A 224 -6.11 20.92 -6.07
N TRP A 225 -7.01 20.15 -6.66
CA TRP A 225 -7.41 20.38 -8.04
C TRP A 225 -8.45 21.49 -8.17
N ASP A 226 -8.97 21.92 -7.03
CA ASP A 226 -9.96 22.99 -6.98
C ASP A 226 -9.19 24.28 -6.79
N GLU A 227 -9.06 25.05 -7.87
CA GLU A 227 -8.32 26.30 -7.84
C GLU A 227 -8.81 27.30 -6.79
N SER A 228 -10.07 27.18 -6.38
CA SER A 228 -10.58 28.10 -5.37
C SER A 228 -10.07 27.75 -3.97
N VAL A 229 -9.53 26.54 -3.81
CA VAL A 229 -8.97 26.13 -2.50
C VAL A 229 -7.58 26.76 -2.39
N LYS A 230 -7.33 27.52 -1.32
CA LYS A 230 -6.04 28.17 -1.15
C LYS A 230 -5.01 27.26 -0.50
N ILE A 231 -3.86 27.13 -1.14
CA ILE A 231 -2.80 26.26 -0.63
C ILE A 231 -1.47 27.00 -0.69
N PRO A 232 -1.02 27.54 0.44
CA PRO A 232 0.24 28.27 0.51
C PRO A 232 1.44 27.33 0.31
N ALA A 233 2.43 27.75 -0.46
CA ALA A 233 3.64 26.96 -0.65
C ALA A 233 4.20 26.78 0.75
N GLU A 234 4.84 25.64 0.99
CA GLU A 234 5.39 25.34 2.31
C GLU A 234 6.72 24.63 2.21
N GLU A 235 7.69 25.07 3.01
CA GLU A 235 9.00 24.43 3.03
C GLU A 235 8.94 23.35 4.11
N VAL A 236 9.51 22.18 3.82
CA VAL A 236 9.52 21.08 4.76
C VAL A 236 10.84 20.36 4.68
N THR A 237 11.30 19.88 5.82
CA THR A 237 12.55 19.15 5.86
C THR A 237 12.19 17.78 6.40
N VAL A 238 12.89 16.76 5.91
CA VAL A 238 12.65 15.39 6.32
C VAL A 238 14.03 14.80 6.58
N ARG A 239 14.22 14.25 7.77
CA ARG A 239 15.52 13.70 8.13
C ARG A 239 15.44 12.25 8.52
N PHE A 240 16.40 11.48 8.01
CA PHE A 240 16.51 10.06 8.28
C PHE A 240 17.81 9.80 9.03
N GLU A 241 17.81 8.73 9.81
CA GLU A 241 18.99 8.30 10.55
C GLU A 241 19.01 6.78 10.34
N GLN A 242 20.02 6.29 9.63
CA GLN A 242 20.13 4.86 9.37
C GLN A 242 18.85 4.24 8.82
N GLY A 243 18.21 4.97 7.92
CA GLY A 243 16.99 4.47 7.33
C GLY A 243 15.70 4.78 8.06
N HIS A 244 15.79 5.25 9.30
CA HIS A 244 14.61 5.58 10.10
C HIS A 244 14.22 7.05 9.93
N PRO A 245 12.95 7.33 9.63
CA PRO A 245 12.57 8.74 9.48
C PRO A 245 12.48 9.25 10.93
N VAL A 246 13.31 10.22 11.29
CA VAL A 246 13.32 10.71 12.68
C VAL A 246 12.88 12.14 12.94
N ALA A 247 12.97 13.01 11.93
CA ALA A 247 12.57 14.39 12.16
C ALA A 247 11.86 15.02 10.98
N LEU A 248 10.88 15.87 11.28
CA LEU A 248 10.13 16.58 10.27
C LEU A 248 10.17 18.04 10.68
N ASN A 249 10.68 18.89 9.79
CA ASN A 249 10.82 20.30 10.09
C ASN A 249 11.63 20.51 11.38
N GLY A 250 12.65 19.68 11.57
CA GLY A 250 13.51 19.80 12.74
C GLY A 250 12.99 19.24 14.05
N LYS A 251 11.76 18.72 14.05
CA LYS A 251 11.19 18.17 15.27
C LYS A 251 11.19 16.65 15.28
N THR A 252 11.50 16.07 16.45
CA THR A 252 11.51 14.62 16.59
C THR A 252 10.21 14.17 17.22
N PHE A 253 10.04 12.87 17.42
CA PHE A 253 8.80 12.34 17.97
C PHE A 253 9.02 11.28 19.02
N SER A 254 8.01 11.06 19.86
CA SER A 254 8.11 10.04 20.91
C SER A 254 8.07 8.63 20.33
N ASP A 255 7.46 8.48 19.15
CA ASP A 255 7.41 7.19 18.47
C ASP A 255 7.10 7.38 16.98
N ASP A 256 7.25 6.32 16.20
CA ASP A 256 7.00 6.42 14.77
C ASP A 256 5.55 6.72 14.40
N VAL A 257 4.60 6.32 15.23
CA VAL A 257 3.19 6.59 14.96
C VAL A 257 2.98 8.10 14.91
N GLU A 258 3.52 8.80 15.92
CA GLU A 258 3.41 10.27 15.96
C GLU A 258 4.13 10.90 14.77
N MET A 259 5.26 10.34 14.38
CA MET A 259 5.99 10.88 13.23
C MET A 259 5.11 10.74 11.97
N MET A 260 4.58 9.54 11.72
CA MET A 260 3.74 9.33 10.52
C MET A 260 2.50 10.24 10.53
N LEU A 261 1.93 10.45 11.72
CA LEU A 261 0.74 11.29 11.83
C LEU A 261 1.10 12.71 11.41
N GLU A 262 2.30 13.17 11.77
CA GLU A 262 2.73 14.51 11.40
C GLU A 262 3.06 14.53 9.91
N ALA A 263 3.69 13.48 9.40
CA ALA A 263 4.00 13.43 7.96
C ALA A 263 2.69 13.58 7.18
N ASN A 264 1.64 12.90 7.64
CA ASN A 264 0.32 12.98 7.00
C ASN A 264 -0.22 14.43 6.98
N ARG A 265 -0.10 15.15 8.10
CA ARG A 265 -0.59 16.54 8.16
C ARG A 265 0.14 17.41 7.16
N ILE A 266 1.46 17.27 7.13
CA ILE A 266 2.27 18.07 6.22
C ILE A 266 1.89 17.81 4.76
N GLY A 267 1.92 16.56 4.34
CA GLY A 267 1.56 16.25 2.95
C GLY A 267 0.08 16.51 2.69
N GLY A 268 -0.74 16.28 3.72
CA GLY A 268 -2.18 16.48 3.58
C GLY A 268 -2.59 17.90 3.19
N ARG A 269 -1.91 18.89 3.76
CA ARG A 269 -2.23 20.28 3.46
C ARG A 269 -2.02 20.60 1.99
N HIS A 270 -1.32 19.71 1.28
CA HIS A 270 -1.01 19.96 -0.13
C HIS A 270 -1.64 18.95 -1.07
N GLY A 271 -2.06 17.83 -0.51
CA GLY A 271 -2.63 16.78 -1.34
C GLY A 271 -1.53 15.94 -1.98
N LEU A 272 -0.33 16.02 -1.40
CA LEU A 272 0.81 15.27 -1.91
C LEU A 272 0.51 13.77 -1.95
N GLY A 273 0.96 13.11 -3.00
CA GLY A 273 0.80 11.67 -3.10
C GLY A 273 -0.41 11.09 -3.79
N MET A 274 -1.46 11.88 -4.01
CA MET A 274 -2.67 11.36 -4.64
C MET A 274 -2.49 10.86 -6.06
N SER A 275 -3.00 9.67 -6.34
CA SER A 275 -2.87 9.12 -7.69
C SER A 275 -4.14 8.40 -8.15
N ASP A 276 -4.18 8.09 -9.44
CA ASP A 276 -5.32 7.41 -10.07
C ASP A 276 -4.68 6.21 -10.80
N GLN A 277 -4.98 5.00 -10.36
CA GLN A 277 -4.36 3.82 -10.96
C GLN A 277 -5.35 2.81 -11.53
N ILE A 278 -5.00 2.23 -12.66
CA ILE A 278 -5.78 1.12 -13.18
C ILE A 278 -4.81 0.00 -12.83
N GLU A 279 -5.25 -0.96 -12.03
CA GLU A 279 -4.35 -2.03 -11.66
C GLU A 279 -4.88 -3.44 -11.90
N ASN A 280 -4.01 -4.42 -11.65
CA ASN A 280 -4.35 -5.81 -11.84
C ASN A 280 -4.63 -6.48 -10.51
N ARG A 281 -5.81 -7.08 -10.38
CA ARG A 281 -6.18 -7.75 -9.15
C ARG A 281 -5.40 -9.04 -9.02
N ILE A 282 -5.46 -9.64 -7.84
CA ILE A 282 -4.78 -10.91 -7.63
C ILE A 282 -5.36 -11.92 -8.62
N ILE A 283 -6.66 -11.84 -8.89
CA ILE A 283 -7.31 -12.78 -9.83
C ILE A 283 -7.14 -12.44 -11.33
N GLU A 284 -6.15 -11.62 -11.66
CA GLU A 284 -5.86 -11.26 -13.05
C GLU A 284 -7.01 -10.69 -13.88
N ALA A 285 -7.62 -9.64 -13.34
CA ALA A 285 -8.69 -8.86 -13.97
C ALA A 285 -8.25 -7.49 -13.48
N LYS A 286 -8.66 -6.42 -14.14
CA LYS A 286 -8.25 -5.08 -13.71
C LYS A 286 -9.28 -4.37 -12.85
N SER A 287 -8.80 -3.41 -12.05
CA SER A 287 -9.65 -2.62 -11.17
C SER A 287 -9.12 -1.19 -11.22
N ARG A 288 -9.91 -0.23 -10.76
CA ARG A 288 -9.51 1.17 -10.78
C ARG A 288 -9.68 1.78 -9.41
N GLY A 289 -8.70 2.57 -8.99
CA GLY A 289 -8.80 3.22 -7.70
C GLY A 289 -8.16 4.60 -7.69
N ILE A 290 -8.56 5.42 -6.73
CA ILE A 290 -8.00 6.75 -6.55
C ILE A 290 -7.49 6.65 -5.12
N TYR A 291 -6.23 7.03 -4.93
CA TYR A 291 -5.55 6.85 -3.65
C TYR A 291 -4.93 8.07 -2.99
N GLU A 292 -4.87 8.02 -1.67
CA GLU A 292 -4.28 9.08 -0.84
C GLU A 292 -3.25 8.42 0.07
N ALA A 293 -2.14 9.11 0.29
CA ALA A 293 -1.09 8.61 1.20
C ALA A 293 -0.07 9.75 1.31
N PRO A 294 -0.50 10.91 1.85
CA PRO A 294 0.34 12.10 2.01
C PRO A 294 1.66 11.92 2.76
N GLY A 295 1.64 11.21 3.87
CA GLY A 295 2.85 11.01 4.66
C GLY A 295 3.81 10.02 4.01
N MET A 296 3.25 8.92 3.49
CA MET A 296 4.07 7.92 2.83
C MET A 296 4.78 8.58 1.65
N ALA A 297 4.04 9.36 0.86
CA ALA A 297 4.60 10.04 -0.29
C ALA A 297 5.74 10.98 0.13
N LEU A 298 5.52 11.73 1.19
CA LEU A 298 6.55 12.67 1.68
C LEU A 298 7.84 11.94 2.04
N LEU A 299 7.71 10.84 2.77
CA LEU A 299 8.87 10.06 3.19
C LEU A 299 9.54 9.40 1.98
N HIS A 300 8.72 8.88 1.07
CA HIS A 300 9.20 8.22 -0.13
C HIS A 300 10.08 9.15 -0.98
N ILE A 301 9.63 10.38 -1.19
CA ILE A 301 10.39 11.36 -2.00
C ILE A 301 11.76 11.66 -1.36
N ALA A 302 11.76 11.95 -0.06
CA ALA A 302 13.01 12.27 0.66
C ALA A 302 13.95 11.06 0.67
N TYR A 303 13.39 9.88 0.92
CA TYR A 303 14.18 8.65 0.96
C TYR A 303 14.89 8.44 -0.38
N GLU A 304 14.14 8.49 -1.47
CA GLU A 304 14.74 8.29 -2.79
C GLU A 304 15.75 9.38 -3.15
N ARG A 305 15.48 10.63 -2.77
CA ARG A 305 16.47 11.66 -3.08
C ARG A 305 17.79 11.30 -2.38
N LEU A 306 17.74 10.91 -1.11
CA LEU A 306 18.96 10.55 -0.38
C LEU A 306 19.64 9.32 -1.04
N LEU A 307 18.81 8.34 -1.40
CA LEU A 307 19.28 7.12 -2.06
C LEU A 307 20.12 7.46 -3.30
N THR A 308 19.64 8.40 -4.12
CA THR A 308 20.39 8.76 -5.33
C THR A 308 21.71 9.44 -5.01
N GLY A 309 21.84 10.03 -3.82
CA GLY A 309 23.10 10.68 -3.50
C GLY A 309 24.07 9.81 -2.71
N ILE A 310 23.56 8.69 -2.21
CA ILE A 310 24.34 7.79 -1.37
C ILE A 310 24.80 6.43 -1.94
N HIS A 311 23.98 5.82 -2.78
CA HIS A 311 24.32 4.49 -3.31
C HIS A 311 24.70 4.46 -4.77
N ASN A 312 25.45 3.42 -5.17
CA ASN A 312 25.87 3.35 -6.56
C ASN A 312 24.78 2.83 -7.49
N GLU A 313 25.04 2.94 -8.77
CA GLU A 313 24.08 2.52 -9.78
C GLU A 313 23.48 1.12 -9.62
N ASP A 314 24.31 0.10 -9.45
CA ASP A 314 23.80 -1.27 -9.33
C ASP A 314 22.93 -1.46 -8.09
N THR A 315 23.32 -0.81 -7.00
CA THR A 315 22.58 -0.91 -5.75
C THR A 315 21.21 -0.21 -5.90
N ILE A 316 21.19 0.93 -6.58
CA ILE A 316 19.93 1.64 -6.81
C ILE A 316 19.01 0.81 -7.74
N GLU A 317 19.60 0.14 -8.73
CA GLU A 317 18.79 -0.70 -9.64
C GLU A 317 18.17 -1.87 -8.87
N GLN A 318 18.91 -2.41 -7.91
CA GLN A 318 18.37 -3.50 -7.10
C GLN A 318 17.23 -2.95 -6.25
N TYR A 319 17.37 -1.72 -5.76
CA TYR A 319 16.32 -1.15 -4.97
C TYR A 319 15.03 -1.09 -5.82
N HIS A 320 15.16 -0.64 -7.08
CA HIS A 320 14.00 -0.56 -7.97
C HIS A 320 13.42 -1.90 -8.36
N ALA A 321 14.26 -2.83 -8.78
CA ALA A 321 13.77 -4.14 -9.23
C ALA A 321 13.24 -4.99 -8.08
N HIS A 322 14.01 -5.09 -7.01
CA HIS A 322 13.59 -5.89 -5.86
C HIS A 322 12.41 -5.20 -5.18
N GLY A 323 12.41 -3.87 -5.20
CA GLY A 323 11.31 -3.11 -4.62
C GLY A 323 10.01 -3.37 -5.38
N ARG A 324 10.04 -3.25 -6.71
CA ARG A 324 8.83 -3.54 -7.49
C ARG A 324 8.34 -4.97 -7.22
N GLN A 325 9.26 -5.95 -7.25
CA GLN A 325 8.88 -7.36 -6.99
C GLN A 325 8.21 -7.53 -5.62
N LEU A 326 8.80 -6.89 -4.63
CA LEU A 326 8.29 -6.93 -3.26
C LEU A 326 6.91 -6.28 -3.21
N GLY A 327 6.74 -5.18 -3.93
CA GLY A 327 5.46 -4.50 -3.97
C GLY A 327 4.37 -5.45 -4.48
N ARG A 328 4.69 -6.23 -5.51
CA ARG A 328 3.70 -7.16 -6.03
C ARG A 328 3.36 -8.26 -5.01
N LEU A 329 4.37 -8.76 -4.31
CA LEU A 329 4.13 -9.81 -3.32
C LEU A 329 3.28 -9.26 -2.18
N LEU A 330 3.58 -8.04 -1.75
CA LEU A 330 2.83 -7.36 -0.69
C LEU A 330 1.35 -7.27 -1.11
N TYR A 331 1.13 -6.82 -2.35
CA TYR A 331 -0.21 -6.65 -2.92
C TYR A 331 -0.98 -7.97 -2.96
N GLN A 332 -0.27 -9.08 -3.20
CA GLN A 332 -0.89 -10.40 -3.28
C GLN A 332 -1.16 -11.05 -1.92
N GLY A 333 -0.71 -10.40 -0.84
CA GLY A 333 -0.93 -10.96 0.47
C GLY A 333 0.20 -11.93 0.83
N ARG A 334 1.36 -11.72 0.22
CA ARG A 334 2.51 -12.59 0.47
C ARG A 334 3.69 -11.86 1.11
N TRP A 335 3.37 -10.82 1.87
CA TRP A 335 4.38 -9.99 2.52
C TRP A 335 5.34 -10.75 3.47
N PHE A 336 4.91 -11.89 4.00
CA PHE A 336 5.75 -12.67 4.90
C PHE A 336 6.24 -13.99 4.28
N ASP A 337 6.01 -14.18 2.98
CA ASP A 337 6.49 -15.39 2.33
C ASP A 337 8.02 -15.28 2.22
N SER A 338 8.71 -16.42 2.16
CA SER A 338 10.17 -16.41 2.09
C SER A 338 10.80 -15.51 1.02
N GLN A 339 10.22 -15.51 -0.17
CA GLN A 339 10.78 -14.70 -1.25
C GLN A 339 10.63 -13.20 -0.94
N ALA A 340 9.57 -12.84 -0.21
CA ALA A 340 9.36 -11.44 0.16
C ALA A 340 10.32 -11.06 1.29
N LEU A 341 10.40 -11.90 2.33
CA LEU A 341 11.30 -11.64 3.46
C LEU A 341 12.75 -11.44 2.99
N MET A 342 13.18 -12.27 2.04
CA MET A 342 14.54 -12.18 1.52
C MET A 342 14.81 -10.83 0.86
N LEU A 343 13.87 -10.35 0.04
CA LEU A 343 14.01 -9.05 -0.64
C LEU A 343 13.94 -7.90 0.37
N ARG A 344 12.97 -7.97 1.29
CA ARG A 344 12.78 -6.93 2.29
C ARG A 344 14.00 -6.82 3.20
N ASP A 345 14.41 -7.95 3.78
CA ASP A 345 15.58 -7.99 4.65
C ASP A 345 16.85 -7.49 3.96
N SER A 346 17.08 -7.91 2.72
CA SER A 346 18.30 -7.48 2.03
C SER A 346 18.32 -5.97 1.81
N LEU A 347 17.18 -5.42 1.40
CA LEU A 347 17.10 -3.98 1.18
C LEU A 347 17.22 -3.19 2.48
N GLN A 348 16.61 -3.67 3.56
CA GLN A 348 16.70 -2.97 4.85
C GLN A 348 18.15 -2.94 5.35
N ARG A 349 18.82 -4.07 5.28
CA ARG A 349 20.20 -4.17 5.75
C ARG A 349 21.25 -3.43 4.92
N TRP A 350 21.22 -3.59 3.60
CA TRP A 350 22.27 -2.97 2.77
C TRP A 350 21.96 -1.64 2.10
N VAL A 351 20.68 -1.30 1.95
CA VAL A 351 20.34 -0.04 1.35
C VAL A 351 19.92 0.95 2.44
N ALA A 352 18.85 0.63 3.18
CA ALA A 352 18.31 1.53 4.22
C ALA A 352 19.29 1.91 5.34
N SER A 353 20.13 0.96 5.73
CA SER A 353 21.10 1.20 6.81
C SER A 353 21.97 2.43 6.57
N GLN A 354 22.22 2.76 5.30
CA GLN A 354 23.06 3.89 4.95
C GLN A 354 22.31 5.18 4.66
N ILE A 355 20.98 5.10 4.69
CA ILE A 355 20.18 6.28 4.41
C ILE A 355 20.07 7.20 5.65
N THR A 356 21.03 8.11 5.74
CA THR A 356 21.09 9.08 6.83
C THR A 356 21.24 10.42 6.15
N GLY A 357 20.41 11.39 6.50
CA GLY A 357 20.52 12.68 5.87
C GLY A 357 19.23 13.47 5.92
N GLU A 358 19.23 14.63 5.28
CA GLU A 358 18.06 15.48 5.32
C GLU A 358 17.75 16.08 3.98
N VAL A 359 16.47 16.08 3.63
CA VAL A 359 16.03 16.63 2.37
C VAL A 359 15.04 17.76 2.63
N THR A 360 15.25 18.86 1.93
CA THR A 360 14.36 20.02 2.05
C THR A 360 13.57 20.14 0.76
N LEU A 361 12.27 20.29 0.91
CA LEU A 361 11.34 20.41 -0.21
C LEU A 361 10.43 21.63 -0.06
N GLU A 362 9.93 22.11 -1.20
CA GLU A 362 8.97 23.20 -1.21
C GLU A 362 7.71 22.58 -1.82
N LEU A 363 6.66 22.41 -1.01
CA LEU A 363 5.42 21.81 -1.47
C LEU A 363 4.42 22.87 -1.89
N ARG A 364 3.79 22.66 -3.04
CA ARG A 364 2.77 23.58 -3.53
C ARG A 364 1.46 22.79 -3.62
N ARG A 365 0.95 22.51 -4.81
CA ARG A 365 -0.30 21.75 -4.92
C ARG A 365 -0.12 20.32 -5.48
N GLY A 366 -0.80 19.37 -4.85
CA GLY A 366 -0.74 17.98 -5.31
C GLY A 366 0.69 17.47 -5.39
N ASN A 367 1.07 16.98 -6.56
CA ASN A 367 2.41 16.45 -6.74
C ASN A 367 3.40 17.46 -7.32
N ASP A 368 3.07 18.75 -7.20
CA ASP A 368 3.99 19.79 -7.66
C ASP A 368 4.78 20.22 -6.44
N TYR A 369 6.08 19.99 -6.48
CA TYR A 369 6.96 20.37 -5.39
C TYR A 369 8.35 20.56 -6.00
N SER A 370 9.28 21.13 -5.24
CA SER A 370 10.65 21.29 -5.72
C SER A 370 11.60 20.80 -4.63
N ILE A 371 12.77 20.31 -5.04
CA ILE A 371 13.75 19.88 -4.08
C ILE A 371 14.65 21.10 -3.87
N LEU A 372 14.84 21.47 -2.62
CA LEU A 372 15.64 22.65 -2.28
C LEU A 372 17.01 22.36 -1.69
N ASN A 373 17.17 21.21 -1.06
CA ASN A 373 18.46 20.88 -0.47
C ASN A 373 18.53 19.40 -0.15
N THR A 374 19.75 18.86 -0.22
CA THR A 374 19.99 17.46 0.08
C THR A 374 21.32 17.38 0.83
N VAL A 375 21.31 16.87 2.04
CA VAL A 375 22.54 16.75 2.81
C VAL A 375 22.66 15.38 3.43
N SER A 376 23.89 14.89 3.53
CA SER A 376 24.12 13.59 4.12
C SER A 376 25.59 13.34 4.35
N GLU A 377 25.89 12.81 5.53
CA GLU A 377 27.26 12.46 5.89
C GLU A 377 27.67 11.28 5.01
N ASN A 378 26.69 10.55 4.47
CA ASN A 378 26.99 9.38 3.63
C ASN A 378 26.95 9.59 2.11
N LEU A 379 26.88 10.83 1.68
CA LEU A 379 26.83 11.11 0.25
C LEU A 379 28.08 10.63 -0.47
N THR A 380 27.92 10.07 -1.66
CA THR A 380 29.09 9.70 -2.46
C THR A 380 29.15 10.79 -3.53
N TYR A 381 28.07 11.57 -3.63
CA TYR A 381 28.06 12.69 -4.57
C TYR A 381 28.88 13.80 -3.90
N LYS A 382 29.70 14.50 -4.68
CA LYS A 382 30.51 15.62 -4.16
C LYS A 382 30.65 16.66 -5.27
N PRO A 383 30.44 17.95 -4.94
CA PRO A 383 30.56 19.01 -5.94
C PRO A 383 31.97 18.99 -6.54
N GLU A 384 32.08 19.31 -7.84
CA GLU A 384 33.37 19.35 -8.52
C GLU A 384 34.36 18.27 -8.06
N ARG A 385 33.87 17.06 -7.85
CA ARG A 385 34.72 15.95 -7.42
C ARG A 385 35.98 15.83 -8.29
N VAL A 394 41.15 13.93 -10.44
CA VAL A 394 41.23 12.55 -9.95
C VAL A 394 41.77 11.62 -11.02
N PHE A 395 41.65 12.04 -12.28
CA PHE A 395 42.15 11.28 -13.42
C PHE A 395 42.46 12.29 -14.50
N SER A 396 43.36 11.90 -15.41
CA SER A 396 43.80 12.79 -16.48
C SER A 396 43.22 12.49 -17.84
N PRO A 397 43.49 13.39 -18.81
CA PRO A 397 43.00 13.21 -20.17
C PRO A 397 43.54 11.89 -20.70
N ASP A 398 44.81 11.62 -20.39
CA ASP A 398 45.46 10.38 -20.84
C ASP A 398 44.82 9.15 -20.22
N ASP A 399 44.34 9.29 -18.99
CA ASP A 399 43.70 8.14 -18.34
C ASP A 399 42.41 7.83 -19.09
N ARG A 400 41.69 8.89 -19.49
CA ARG A 400 40.42 8.73 -20.21
C ARG A 400 40.67 8.18 -21.61
N ILE A 401 41.72 8.64 -22.27
CA ILE A 401 42.04 8.15 -23.61
C ILE A 401 42.25 6.62 -23.60
N GLY A 402 42.97 6.14 -22.60
CA GLY A 402 43.20 4.72 -22.49
C GLY A 402 41.90 3.99 -22.22
N GLN A 403 41.08 4.53 -21.32
CA GLN A 403 39.80 3.92 -20.98
C GLN A 403 38.89 3.86 -22.21
N LEU A 404 38.90 4.93 -23.01
CA LEU A 404 38.08 4.95 -24.22
C LEU A 404 38.59 3.91 -25.20
N THR A 405 39.90 3.80 -25.32
CA THR A 405 40.51 2.86 -26.25
C THR A 405 40.15 1.41 -25.89
N MET A 406 40.05 1.10 -24.60
CA MET A 406 39.71 -0.25 -24.15
C MET A 406 38.32 -0.71 -24.62
N ARG A 407 37.55 0.24 -25.16
CA ARG A 407 36.20 -0.03 -25.65
C ARG A 407 36.17 -0.59 -27.08
N ASN A 408 37.24 -0.37 -27.83
CA ASN A 408 37.30 -0.81 -29.23
C ASN A 408 36.95 -2.26 -29.51
N LEU A 409 37.37 -3.15 -28.63
CA LEU A 409 37.13 -4.59 -28.80
C LEU A 409 35.63 -4.82 -28.88
N ASP A 410 34.90 -4.31 -27.90
CA ASP A 410 33.47 -4.51 -27.88
C ASP A 410 32.73 -3.71 -28.96
N ILE A 411 33.26 -2.54 -29.34
CA ILE A 411 32.61 -1.75 -30.37
C ILE A 411 32.70 -2.51 -31.69
N THR A 412 33.85 -3.11 -31.95
CA THR A 412 34.03 -3.89 -33.18
C THR A 412 33.04 -5.07 -33.20
N ASP A 413 32.91 -5.77 -32.07
CA ASP A 413 31.97 -6.88 -31.99
C ASP A 413 30.55 -6.39 -32.27
N THR A 414 30.19 -5.24 -31.70
CA THR A 414 28.85 -4.71 -31.94
C THR A 414 28.64 -4.31 -33.40
N ARG A 415 29.67 -3.73 -34.02
CA ARG A 415 29.56 -3.34 -35.42
C ARG A 415 29.30 -4.60 -36.27
N GLU A 416 29.97 -5.70 -35.93
CA GLU A 416 29.80 -6.94 -36.67
C GLU A 416 28.38 -7.46 -36.47
N LYS A 417 27.82 -7.27 -35.27
CA LYS A 417 26.46 -7.71 -35.01
C LYS A 417 25.47 -6.92 -35.88
N LEU A 418 25.67 -5.61 -35.98
CA LEU A 418 24.77 -4.78 -36.78
C LEU A 418 24.79 -5.25 -38.22
N PHE A 419 25.97 -5.62 -38.70
CA PHE A 419 26.12 -6.12 -40.07
C PHE A 419 25.30 -7.41 -40.17
N GLY A 420 25.48 -8.31 -39.20
CA GLY A 420 24.73 -9.56 -39.19
C GLY A 420 23.22 -9.39 -39.12
N TYR A 421 22.75 -8.38 -38.39
CA TYR A 421 21.32 -8.12 -38.25
C TYR A 421 20.76 -7.53 -39.54
N ALA A 422 21.56 -6.70 -40.21
CA ALA A 422 21.13 -6.11 -41.47
C ALA A 422 21.02 -7.25 -42.46
N LYS A 423 22.03 -8.12 -42.46
CA LYS A 423 22.04 -9.28 -43.34
C LYS A 423 20.80 -10.13 -43.17
N THR A 424 20.39 -10.38 -41.92
CA THR A 424 19.21 -11.19 -41.68
C THR A 424 17.90 -10.41 -41.67
N GLY A 425 17.94 -9.16 -42.12
CA GLY A 425 16.74 -8.33 -42.17
C GLY A 425 16.15 -7.68 -40.92
N LEU A 426 16.85 -7.73 -39.80
CA LEU A 426 16.33 -7.12 -38.57
C LEU A 426 16.56 -5.61 -38.55
N LEU A 427 17.58 -5.18 -39.30
CA LEU A 427 17.95 -3.78 -39.45
C LEU A 427 17.92 -3.50 -40.94
N SER A 428 17.53 -2.30 -41.34
CA SER A 428 17.48 -1.99 -42.76
C SER A 428 18.90 -1.99 -43.36
N SER A 429 19.06 -2.68 -44.48
CA SER A 429 20.35 -2.73 -45.14
C SER A 429 20.47 -1.47 -46.02
N SER A 430 19.34 -0.79 -46.21
CA SER A 430 19.27 0.43 -47.01
C SER A 430 18.89 1.62 -46.13
N ALA A 431 19.86 2.20 -45.44
CA ALA A 431 19.60 3.34 -44.56
C ALA A 431 20.60 4.48 -44.78
N ALA A 432 20.25 5.39 -45.71
CA ALA A 432 21.11 6.53 -46.02
C ALA A 432 20.97 7.60 -44.94
N SER A 433 21.13 7.18 -43.70
CA SER A 433 20.99 8.08 -42.56
C SER A 433 22.19 7.98 -41.62
N GLY A 434 22.61 6.75 -41.37
CA GLY A 434 23.70 6.50 -40.45
C GLY A 434 23.06 5.94 -39.19
N VAL A 435 21.78 6.25 -38.98
CA VAL A 435 21.05 5.74 -37.82
C VAL A 435 20.48 4.36 -38.16
N PRO A 436 20.95 3.31 -37.46
CA PRO A 436 20.44 1.96 -37.73
C PRO A 436 18.92 1.96 -37.61
N GLN A 437 18.25 1.31 -38.56
CA GLN A 437 16.80 1.27 -38.55
C GLN A 437 16.26 -0.13 -38.22
N VAL A 438 15.64 -0.23 -37.05
CA VAL A 438 15.09 -1.50 -36.61
C VAL A 438 13.85 -1.78 -37.42
N GLU A 439 13.78 -2.98 -37.97
CA GLU A 439 12.66 -3.38 -38.79
C GLU A 439 11.45 -3.95 -38.06
N ASN A 440 10.54 -3.07 -37.63
CA ASN A 440 9.29 -3.47 -37.02
C ASN A 440 8.28 -2.36 -37.32
N LEU A 441 7.00 -2.68 -37.16
CA LEU A 441 5.88 -1.78 -37.42
C LEU A 441 6.01 -0.37 -36.88
N GLU A 442 6.71 -0.19 -35.78
CA GLU A 442 6.86 1.14 -35.20
C GLU A 442 7.89 2.06 -35.87
N ASN A 443 8.82 1.50 -36.64
CA ASN A 443 9.86 2.33 -37.25
C ASN A 443 9.74 2.49 -38.77
P PO4 B . -6.26 -2.46 -3.31
O1 PO4 B . -7.42 -1.76 -2.72
O2 PO4 B . -5.11 -2.39 -2.37
O3 PO4 B . -5.88 -1.82 -4.60
O4 PO4 B . -6.61 -3.88 -3.54
P PO4 C . -18.61 -3.36 6.86
O1 PO4 C . -19.84 -2.84 6.19
O2 PO4 C . -17.61 -2.26 6.97
O3 PO4 C . -18.03 -4.46 6.05
O4 PO4 C . -18.95 -3.86 8.21
P PO4 D . 2.01 21.41 11.91
O1 PO4 D . 1.01 22.51 11.68
O2 PO4 D . 2.13 21.15 13.38
O3 PO4 D . 3.34 21.83 11.36
O4 PO4 D . 1.55 20.17 11.22
PG ATP E . -13.49 -5.73 0.19
O1G ATP E . -14.88 -6.23 0.26
O2G ATP E . -12.68 -5.98 1.41
O3G ATP E . -12.81 -6.04 -1.10
PB ATP E . -14.50 -3.09 1.16
O1B ATP E . -15.92 -3.56 1.21
O2B ATP E . -14.25 -1.68 0.74
O3B ATP E . -13.65 -4.11 0.18
PA ATP E . -14.32 -3.19 4.10
O1A ATP E . -15.74 -3.60 4.22
O2A ATP E . -13.92 -1.86 4.63
O3A ATP E . -13.85 -3.34 2.56
O5' ATP E . -13.40 -4.27 4.77
C5' ATP E . -13.57 -5.69 4.55
C4' ATP E . -13.70 -6.42 5.86
O4' ATP E . -12.47 -6.21 6.59
C3' ATP E . -14.79 -5.91 6.78
O3' ATP E . -16.00 -6.55 6.40
C2' ATP E . -14.26 -6.40 8.10
O2' ATP E . -14.49 -7.79 8.34
C1' ATP E . -12.71 -6.22 8.00
N9 ATP E . -12.23 -4.94 8.61
C8 ATP E . -12.04 -3.69 8.04
N7 ATP E . -11.59 -2.77 8.84
C5 ATP E . -11.45 -3.46 10.05
C6 ATP E . -11.01 -3.07 11.36
N6 ATP E . -10.61 -1.83 11.62
N1 ATP E . -10.99 -4.01 12.36
C2 ATP E . -11.39 -5.26 12.10
N3 ATP E . -11.84 -5.76 10.92
C4 ATP E . -11.84 -4.79 9.92
C GAI F . -19.43 9.49 -14.94
N1 GAI F . -18.17 9.35 -14.57
N2 GAI F . -19.86 8.94 -16.10
N3 GAI F . -20.28 10.18 -14.15
#